data_7MFV
#
_entry.id   7MFV
#
_cell.length_a   68.920
_cell.length_b   68.920
_cell.length_c   107.170
_cell.angle_alpha   90.000
_cell.angle_beta   90.000
_cell.angle_gamma   120.000
#
_symmetry.space_group_name_H-M   'P 63 2 2'
#
loop_
_entity.id
_entity.type
_entity.pdbx_description
1 polymer 'Synthetic Nanobody #16 (Sb16)'
2 non-polymer 1,2-ETHANEDIOL
3 water water
#
_entity_poly.entity_id   1
_entity_poly.type   'polypeptide(L)'
_entity_poly.pdbx_seq_one_letter_code
;QVQLVESGGGLVQAGGSLRLSCAASGFPVAYKTMWWYRQAPGKEREWVAAIESYGIKWTRYADSVKGRFTISRDNAKNTV
YLQMNSLKPEDTAVYYCIVWVGAQYHGQGTQVTVSA
;
_entity_poly.pdbx_strand_id   B
#
# COMPACT_ATOMS: atom_id res chain seq x y z
N GLN A 1 1.91 -20.45 2.36
CA GLN A 1 3.21 -20.04 2.86
C GLN A 1 3.43 -18.55 2.60
N VAL A 2 3.08 -18.10 1.41
CA VAL A 2 3.15 -16.68 1.10
C VAL A 2 1.99 -15.97 1.77
N GLN A 3 2.29 -14.91 2.52
CA GLN A 3 1.30 -14.20 3.29
C GLN A 3 1.66 -12.72 3.31
N LEU A 4 0.66 -11.88 3.06
CA LEU A 4 0.78 -10.44 3.21
C LEU A 4 -0.23 -10.00 4.26
N VAL A 5 0.20 -9.10 5.15
CA VAL A 5 -0.66 -8.59 6.21
C VAL A 5 -0.53 -7.07 6.21
N GLU A 6 -1.61 -6.38 5.86
CA GLU A 6 -1.66 -4.93 5.90
C GLU A 6 -2.03 -4.44 7.31
N SER A 7 -1.49 -3.28 7.68
CA SER A 7 -1.84 -2.65 8.95
C SER A 7 -1.50 -1.17 8.84
N GLY A 8 -1.90 -0.41 9.85
CA GLY A 8 -1.60 1.00 9.92
C GLY A 8 -2.75 1.91 9.56
N GLY A 9 -3.87 1.37 9.10
CA GLY A 9 -5.02 2.18 8.80
C GLY A 9 -5.63 2.79 10.06
N GLY A 10 -6.64 3.63 9.85
CA GLY A 10 -7.31 4.25 10.96
C GLY A 10 -8.22 5.38 10.50
N LEU A 11 -8.61 6.21 11.47
CA LEU A 11 -9.53 7.32 11.26
C LEU A 11 -8.79 8.62 11.55
N VAL A 12 -8.61 9.44 10.51
CA VAL A 12 -7.99 10.75 10.66
C VAL A 12 -8.91 11.80 10.05
N GLN A 13 -8.59 13.05 10.33
CA GLN A 13 -9.27 14.18 9.72
C GLN A 13 -8.54 14.59 8.45
N ALA A 14 -9.23 15.34 7.60
CA ALA A 14 -8.64 15.82 6.36
C ALA A 14 -7.36 16.58 6.66
N GLY A 15 -6.29 16.27 5.91
CA GLY A 15 -5.00 16.90 6.07
C GLY A 15 -3.99 16.10 6.86
N GLY A 16 -4.43 15.15 7.65
CA GLY A 16 -3.53 14.34 8.45
C GLY A 16 -2.79 13.30 7.63
N SER A 17 -2.08 12.44 8.34
CA SER A 17 -1.21 11.44 7.72
C SER A 17 -1.42 10.08 8.35
N LEU A 18 -1.11 9.05 7.58
CA LEU A 18 -1.07 7.68 8.07
C LEU A 18 0.17 7.03 7.49
N ARG A 19 0.50 5.87 8.04
CA ARG A 19 1.59 5.06 7.47
C ARG A 19 1.16 3.60 7.45
N LEU A 20 0.87 3.09 6.25
CA LEU A 20 0.49 1.70 6.12
C LEU A 20 1.73 0.80 6.00
N SER A 21 1.64 -0.38 6.60
CA SER A 21 2.65 -1.41 6.51
C SER A 21 2.07 -2.67 5.87
N CYS A 22 2.89 -3.33 5.08
CA CYS A 22 2.57 -4.60 4.44
C CYS A 22 3.68 -5.55 4.86
N ALA A 23 3.39 -6.39 5.85
CA ALA A 23 4.34 -7.37 6.34
C ALA A 23 4.23 -8.63 5.49
N ALA A 24 5.33 -9.01 4.85
CA ALA A 24 5.38 -10.18 3.99
C ALA A 24 6.02 -11.34 4.72
N SER A 25 5.56 -12.54 4.39
CA SER A 25 6.14 -13.75 4.95
C SER A 25 6.01 -14.85 3.92
N GLY A 26 6.90 -15.83 4.00
CA GLY A 26 6.95 -16.93 3.07
C GLY A 26 7.65 -16.63 1.78
N PHE A 27 8.30 -15.47 1.65
CA PHE A 27 9.02 -15.08 0.46
C PHE A 27 9.74 -13.76 0.75
N PRO A 28 10.82 -13.46 0.02
CA PRO A 28 11.56 -12.22 0.27
C PRO A 28 10.92 -11.03 -0.43
N VAL A 29 10.59 -9.99 0.33
CA VAL A 29 9.87 -8.80 -0.20
C VAL A 29 10.72 -8.03 -1.20
N ALA A 30 12.03 -7.99 -1.02
CA ALA A 30 12.95 -7.19 -1.83
C ALA A 30 13.08 -7.68 -3.28
N TYR A 31 12.77 -8.94 -3.55
CA TYR A 31 12.95 -9.49 -4.88
C TYR A 31 11.65 -9.61 -5.66
N LYS A 32 10.62 -8.88 -5.25
CA LYS A 32 9.35 -8.89 -5.95
C LYS A 32 8.87 -7.45 -6.13
N THR A 33 8.22 -7.20 -7.25
CA THR A 33 7.65 -5.87 -7.47
C THR A 33 6.35 -5.86 -6.67
N MET A 34 6.09 -4.81 -5.91
CA MET A 34 4.83 -4.87 -5.16
C MET A 34 3.99 -3.63 -5.39
N TRP A 35 2.71 -3.81 -5.30
CA TRP A 35 1.76 -2.71 -5.52
C TRP A 35 0.90 -2.55 -4.28
N TRP A 36 0.46 -1.32 -4.13
CA TRP A 36 -0.65 -0.98 -3.27
C TRP A 36 -1.83 -0.59 -4.16
N TYR A 37 -3.02 -1.06 -3.79
CA TYR A 37 -4.24 -0.59 -4.40
C TYR A 37 -5.28 -0.36 -3.31
N ARG A 38 -6.43 0.17 -3.70
CA ARG A 38 -7.46 0.48 -2.72
C ARG A 38 -8.83 0.26 -3.35
N GLN A 39 -9.81 0.00 -2.49
CA GLN A 39 -11.17 -0.21 -2.92
C GLN A 39 -12.09 0.54 -1.96
N ALA A 40 -12.82 1.51 -2.49
CA ALA A 40 -13.84 2.21 -1.74
C ALA A 40 -15.15 1.44 -1.81
N PRO A 41 -16.05 1.64 -0.84
CA PRO A 41 -17.25 0.80 -0.76
C PRO A 41 -18.06 0.71 -2.06
N GLY A 42 -18.60 1.83 -2.52
CA GLY A 42 -19.46 1.82 -3.68
C GLY A 42 -18.77 1.77 -5.03
N LYS A 43 -17.45 1.60 -5.06
CA LYS A 43 -16.70 1.67 -6.32
C LYS A 43 -15.80 0.44 -6.50
N GLU A 44 -14.96 0.46 -7.53
CA GLU A 44 -14.08 -0.65 -7.86
C GLU A 44 -12.63 -0.27 -7.63
N ARG A 45 -11.75 -1.27 -7.73
CA ARG A 45 -10.39 -1.13 -7.24
C ARG A 45 -9.58 -0.13 -8.06
N GLU A 46 -8.70 0.60 -7.37
CA GLU A 46 -7.88 1.63 -7.98
C GLU A 46 -6.42 1.39 -7.60
N TRP A 47 -5.54 1.35 -8.60
CA TRP A 47 -4.11 1.26 -8.31
C TRP A 47 -3.63 2.54 -7.61
N VAL A 48 -2.80 2.37 -6.60
CA VAL A 48 -2.29 3.48 -5.79
C VAL A 48 -0.81 3.70 -6.02
N ALA A 49 0.01 2.66 -5.85
CA ALA A 49 1.45 2.89 -6.01
C ALA A 49 2.15 1.56 -6.23
N ALA A 50 3.40 1.65 -6.72
CA ALA A 50 4.18 0.44 -7.00
C ALA A 50 5.65 0.72 -6.73
N ILE A 51 6.36 -0.33 -6.28
CA ILE A 51 7.80 -0.28 -6.10
C ILE A 51 8.43 -1.50 -6.77
N GLU A 52 9.47 -1.25 -7.56
CA GLU A 52 10.12 -2.29 -8.33
C GLU A 52 10.99 -3.14 -7.41
N SER A 53 11.18 -4.41 -7.80
CA SER A 53 12.03 -5.30 -7.02
C SER A 53 13.47 -4.79 -7.03
N TYR A 54 14.26 -5.33 -6.10
CA TYR A 54 15.64 -4.89 -5.92
C TYR A 54 16.46 -5.03 -7.20
N GLY A 55 17.22 -4.00 -7.53
CA GLY A 55 18.13 -4.06 -8.67
C GLY A 55 18.27 -2.74 -9.38
N ILE A 56 17.17 -2.22 -9.90
CA ILE A 56 17.10 -0.85 -10.39
C ILE A 56 15.90 -0.20 -9.71
N LYS A 57 16.13 0.90 -9.00
CA LYS A 57 15.10 1.52 -8.19
C LYS A 57 14.11 2.24 -9.08
N TRP A 58 12.83 2.09 -8.75
CA TRP A 58 11.73 2.62 -9.57
C TRP A 58 10.47 2.63 -8.73
N THR A 59 9.93 3.81 -8.45
CA THR A 59 8.65 3.90 -7.76
C THR A 59 7.68 4.68 -8.63
N ARG A 60 6.41 4.32 -8.52
CA ARG A 60 5.37 4.90 -9.36
C ARG A 60 4.12 5.11 -8.54
N TYR A 61 3.35 6.12 -8.91
CA TYR A 61 2.19 6.53 -8.14
C TYR A 61 1.06 6.87 -9.09
N ALA A 62 -0.17 6.58 -8.67
CA ALA A 62 -1.30 7.11 -9.40
C ALA A 62 -1.27 8.63 -9.31
N ASP A 63 -1.67 9.30 -10.40
CA ASP A 63 -1.61 10.76 -10.44
C ASP A 63 -2.33 11.41 -9.27
N SER A 64 -3.44 10.80 -8.80
CA SER A 64 -4.22 11.42 -7.74
C SER A 64 -3.51 11.42 -6.38
N VAL A 65 -2.46 10.62 -6.21
CA VAL A 65 -1.72 10.56 -4.96
C VAL A 65 -0.27 10.98 -5.09
N LYS A 66 0.22 11.23 -6.30
CA LYS A 66 1.61 11.62 -6.49
C LYS A 66 1.88 12.92 -5.72
N GLY A 67 2.99 12.95 -4.99
CA GLY A 67 3.32 14.09 -4.17
C GLY A 67 2.79 14.03 -2.75
N ARG A 68 1.79 13.18 -2.50
CA ARG A 68 1.29 12.98 -1.14
C ARG A 68 1.69 11.64 -0.55
N PHE A 69 1.80 10.59 -1.37
CA PHE A 69 2.13 9.25 -0.90
C PHE A 69 3.57 8.90 -1.29
N THR A 70 4.20 8.11 -0.43
CA THR A 70 5.55 7.59 -0.67
C THR A 70 5.56 6.10 -0.35
N ILE A 71 5.91 5.28 -1.32
CA ILE A 71 6.09 3.85 -1.11
C ILE A 71 7.57 3.58 -0.86
N SER A 72 7.85 2.70 0.09
CA SER A 72 9.23 2.36 0.40
C SER A 72 9.29 0.96 0.98
N ARG A 73 10.50 0.45 1.19
CA ARG A 73 10.69 -0.95 1.54
C ARG A 73 11.79 -1.09 2.58
N ASP A 74 11.59 -1.99 3.54
CA ASP A 74 12.62 -2.42 4.48
C ASP A 74 12.88 -3.90 4.24
N ASN A 75 14.02 -4.22 3.62
CA ASN A 75 14.32 -5.60 3.26
C ASN A 75 14.60 -6.46 4.49
N ALA A 76 15.18 -5.86 5.54
CA ALA A 76 15.49 -6.60 6.75
C ALA A 76 14.22 -6.97 7.50
N LYS A 77 13.30 -6.03 7.64
CA LYS A 77 12.00 -6.30 8.26
C LYS A 77 11.03 -6.97 7.30
N ASN A 78 11.40 -7.10 6.02
CA ASN A 78 10.58 -7.74 5.00
C ASN A 78 9.21 -7.08 4.89
N THR A 79 9.23 -5.73 4.83
CA THR A 79 8.00 -4.95 4.91
C THR A 79 8.00 -3.86 3.84
N VAL A 80 6.83 -3.58 3.27
CA VAL A 80 6.64 -2.44 2.38
C VAL A 80 5.76 -1.41 3.08
N TYR A 81 6.08 -0.14 2.92
CA TYR A 81 5.36 0.93 3.59
C TYR A 81 4.74 1.87 2.56
N LEU A 82 3.58 2.43 2.91
CA LEU A 82 2.96 3.53 2.19
C LEU A 82 2.74 4.69 3.17
N GLN A 83 3.59 5.69 3.06
CA GLN A 83 3.45 6.93 3.85
C GLN A 83 2.40 7.77 3.12
N MET A 84 1.32 8.13 3.79
CA MET A 84 0.25 8.91 3.18
C MET A 84 0.14 10.24 3.90
N ASN A 85 0.45 11.34 3.23
CA ASN A 85 0.29 12.68 3.78
C ASN A 85 -0.84 13.41 3.06
N SER A 86 -1.30 14.50 3.68
CA SER A 86 -2.31 15.38 3.12
C SER A 86 -3.55 14.59 2.69
N LEU A 87 -4.06 13.77 3.60
CA LEU A 87 -5.16 12.88 3.27
C LEU A 87 -6.43 13.67 2.95
N LYS A 88 -7.22 13.15 2.02
CA LYS A 88 -8.49 13.71 1.61
C LYS A 88 -9.60 12.69 1.86
N PRO A 89 -10.85 13.12 1.99
CA PRO A 89 -11.95 12.15 2.09
C PRO A 89 -12.01 11.21 0.89
N GLU A 90 -11.64 11.68 -0.31
CA GLU A 90 -11.58 10.82 -1.48
C GLU A 90 -10.58 9.68 -1.31
N ASP A 91 -9.71 9.73 -0.31
CA ASP A 91 -8.76 8.66 -0.05
C ASP A 91 -9.35 7.54 0.81
N THR A 92 -10.57 7.71 1.31
CA THR A 92 -11.19 6.74 2.20
C THR A 92 -11.46 5.44 1.46
N ALA A 93 -10.90 4.33 1.94
CA ALA A 93 -11.04 3.04 1.28
C ALA A 93 -10.33 1.97 2.10
N VAL A 94 -10.50 0.71 1.68
CA VAL A 94 -9.65 -0.37 2.17
C VAL A 94 -8.42 -0.45 1.29
N TYR A 95 -7.25 -0.40 1.91
CA TYR A 95 -5.97 -0.45 1.20
C TYR A 95 -5.39 -1.85 1.30
N TYR A 96 -4.92 -2.38 0.17
CA TYR A 96 -4.32 -3.69 0.07
C TYR A 96 -2.96 -3.59 -0.59
N CYS A 97 -2.06 -4.50 -0.22
N CYS A 97 -2.06 -4.50 -0.22
CA CYS A 97 -0.82 -4.70 -0.94
CA CYS A 97 -0.82 -4.70 -0.94
C CYS A 97 -0.90 -6.02 -1.69
C CYS A 97 -0.90 -6.02 -1.69
N ILE A 98 -0.22 -6.08 -2.83
CA ILE A 98 -0.34 -7.24 -3.69
C ILE A 98 1.00 -7.54 -4.34
N VAL A 99 1.26 -8.83 -4.48
CA VAL A 99 2.45 -9.37 -5.10
C VAL A 99 2.03 -10.61 -5.90
N TRP A 100 2.80 -10.94 -6.92
CA TRP A 100 2.51 -12.07 -7.78
C TRP A 100 3.68 -13.03 -7.64
N VAL A 101 3.42 -14.15 -6.95
CA VAL A 101 4.38 -15.26 -6.77
C VAL A 101 3.69 -16.43 -7.48
N GLY A 102 3.82 -16.47 -8.81
CA GLY A 102 2.95 -17.34 -9.58
C GLY A 102 1.55 -16.76 -9.60
N ALA A 103 0.75 -17.09 -8.61
CA ALA A 103 -0.53 -16.44 -8.45
C ALA A 103 -0.33 -15.06 -7.81
N GLN A 104 -1.41 -14.30 -7.74
CA GLN A 104 -1.41 -13.08 -6.96
C GLN A 104 -1.78 -13.41 -5.53
N TYR A 105 -1.13 -12.70 -4.61
CA TYR A 105 -1.41 -12.79 -3.18
C TYR A 105 -1.60 -11.37 -2.67
N HIS A 106 -2.71 -11.13 -1.99
CA HIS A 106 -2.98 -9.86 -1.31
C HIS A 106 -3.37 -10.15 0.14
N GLY A 107 -3.38 -9.12 0.97
CA GLY A 107 -3.75 -9.26 2.36
C GLY A 107 -5.25 -9.10 2.59
N GLN A 108 -5.62 -9.09 3.87
CA GLN A 108 -7.02 -8.82 4.22
C GLN A 108 -7.39 -7.34 4.04
N GLY A 109 -6.41 -6.45 3.92
CA GLY A 109 -6.68 -5.04 3.76
C GLY A 109 -6.72 -4.29 5.07
N THR A 110 -6.54 -2.97 4.99
CA THR A 110 -6.59 -2.10 6.15
C THR A 110 -7.46 -0.88 5.82
N GLN A 111 -8.35 -0.53 6.74
CA GLN A 111 -9.33 0.51 6.50
C GLN A 111 -8.74 1.89 6.79
N VAL A 112 -8.88 2.80 5.82
CA VAL A 112 -8.46 4.19 5.97
C VAL A 112 -9.70 5.06 5.80
N THR A 113 -10.03 5.84 6.82
CA THR A 113 -11.16 6.75 6.79
C THR A 113 -10.69 8.17 7.10
N VAL A 114 -11.03 9.10 6.21
CA VAL A 114 -10.61 10.49 6.30
C VAL A 114 -11.86 11.35 6.37
N SER A 115 -12.10 11.95 7.53
CA SER A 115 -13.27 12.79 7.74
C SER A 115 -12.98 14.23 7.34
N ALA A 116 -13.95 14.88 6.71
CA ALA A 116 -13.79 16.25 6.23
C ALA A 116 -13.73 17.23 7.39
#